data_4U5O
#
_entry.id   4U5O
#
_cell.length_a   78.957
_cell.length_b   90.828
_cell.length_c   100.534
_cell.angle_alpha   90.000
_cell.angle_beta   90.000
_cell.angle_gamma   90.000
#
_symmetry.space_group_name_H-M   'P 21 21 21'
#
loop_
_entity.id
_entity.type
_entity.pdbx_description
1 polymer 'Importin subunit alpha-1'
2 non-polymer N~2~-[4-(pyridin-3-yl)benzyl]-D-lysinamide
3 water water
#
_entity_poly.entity_id   1
_entity_poly.type   'polypeptide(L)'
_entity_poly.pdbx_seq_one_letter_code
;GTVNWSVEDIVKGINSNNLESQLQATQAARKLLSREKQPPIDNIIRAGLIPKFVSFLGKTDCSPIQFESAWALTNIASGT
SEQTKAVVDGGAIPAFISLLASPHAHISEQAVWALGNIAGDGSAFRDLVIKHGAIDPLLALLAVPDLSTLACGYLRNLTW
TLSNLCRNKNPAPPLDAVEQILPTLVRLLHHNDPEVLADSCWAISYLTDGPNERIEMVVKKGVVPQLVKLLGATELPIVT
PALRAIGNIVTGTDEQTQKVIDAGALAVFPSLLTNPKTNIQKEATWTMSNITAGRQDQIQQVVNHGLVPFLVGVLSKADF
KTQKEAAWAITNYTSGGTVEQIVYLVHCGIIEPLMNLLSAKDTKIIQVILDAISNIFQAAEKLGETEKLSIMIEECGGLD
KIEALQRHENESVYKASLNLIEKYFS
;
_entity_poly.pdbx_strand_id   A
#
# COMPACT_ATOMS: atom_id res chain seq x y z
N GLY A 1 3.32 28.44 -32.81
CA GLY A 1 1.93 28.52 -33.26
C GLY A 1 0.94 28.65 -32.11
N THR A 2 0.84 27.61 -31.29
CA THR A 2 0.01 27.63 -30.08
C THR A 2 0.86 27.63 -28.80
N VAL A 3 2.04 28.27 -28.85
CA VAL A 3 2.98 28.21 -27.73
C VAL A 3 2.99 29.56 -26.95
N ASN A 4 2.93 29.47 -25.63
CA ASN A 4 2.71 30.59 -24.70
C ASN A 4 1.57 31.57 -25.02
N TRP A 5 0.36 31.09 -25.29
CA TRP A 5 -0.75 32.06 -25.41
C TRP A 5 -1.10 32.58 -24.03
N SER A 6 -1.67 33.78 -23.97
CA SER A 6 -2.25 34.29 -22.75
C SER A 6 -3.62 33.63 -22.52
N VAL A 7 -4.08 33.58 -21.28
CA VAL A 7 -5.42 33.04 -21.02
C VAL A 7 -6.46 33.84 -21.80
N GLU A 8 -6.26 35.15 -21.88
CA GLU A 8 -7.20 36.02 -22.56
C GLU A 8 -7.36 35.65 -24.04
N ASP A 9 -6.25 35.30 -24.68
CA ASP A 9 -6.30 34.92 -26.09
C ASP A 9 -6.94 33.54 -26.30
N ILE A 10 -6.67 32.62 -25.37
CA ILE A 10 -7.32 31.31 -25.36
C ILE A 10 -8.83 31.49 -25.26
N VAL A 11 -9.26 32.39 -24.38
CA VAL A 11 -10.69 32.62 -24.19
C VAL A 11 -11.30 33.19 -25.46
N LYS A 12 -10.54 34.08 -26.11
CA LYS A 12 -11.01 34.69 -27.35
C LYS A 12 -11.24 33.63 -28.43
N GLY A 13 -10.30 32.70 -28.58
CA GLY A 13 -10.42 31.66 -29.59
C GLY A 13 -11.53 30.68 -29.31
N ILE A 14 -11.60 30.22 -28.06
CA ILE A 14 -12.60 29.24 -27.65
C ILE A 14 -14.02 29.79 -27.79
N ASN A 15 -14.17 31.10 -27.61
CA ASN A 15 -15.47 31.75 -27.74
C ASN A 15 -15.83 32.16 -29.15
N SER A 16 -14.90 32.02 -30.09
CA SER A 16 -15.20 32.41 -31.46
C SER A 16 -16.18 31.43 -32.08
N ASN A 17 -16.82 31.80 -33.17
CA ASN A 17 -17.76 30.89 -33.77
C ASN A 17 -17.12 30.13 -34.93
N ASN A 18 -16.00 29.49 -34.64
CA ASN A 18 -15.18 28.87 -35.66
C ASN A 18 -14.51 27.65 -35.05
N LEU A 19 -14.94 26.45 -35.47
CA LEU A 19 -14.40 25.21 -34.92
C LEU A 19 -12.88 25.14 -34.98
N GLU A 20 -12.31 25.58 -36.10
CA GLU A 20 -10.85 25.59 -36.27
C GLU A 20 -10.14 26.54 -35.31
N SER A 21 -10.71 27.73 -35.13
CA SER A 21 -10.20 28.67 -34.13
C SER A 21 -10.31 28.10 -32.74
N GLN A 22 -11.43 27.43 -32.46
CA GLN A 22 -11.62 26.79 -31.15
C GLN A 22 -10.59 25.71 -30.90
N LEU A 23 -10.33 24.90 -31.93
CA LEU A 23 -9.31 23.84 -31.83
C LEU A 23 -7.94 24.43 -31.52
N GLN A 24 -7.61 25.48 -32.26
CA GLN A 24 -6.34 26.18 -32.09
C GLN A 24 -6.19 26.69 -30.66
N ALA A 25 -7.27 27.27 -30.14
CA ALA A 25 -7.22 27.80 -28.79
C ALA A 25 -7.22 26.68 -27.75
N THR A 26 -7.84 25.54 -28.05
CA THR A 26 -7.90 24.46 -27.06
C THR A 26 -6.53 23.83 -26.95
N GLN A 27 -5.83 23.74 -28.07
CA GLN A 27 -4.47 23.23 -28.06
C GLN A 27 -3.51 24.15 -27.32
N ALA A 28 -3.63 25.45 -27.58
CA ALA A 28 -2.92 26.45 -26.80
C ALA A 28 -3.13 26.22 -25.31
N ALA A 29 -4.38 25.96 -24.92
CA ALA A 29 -4.69 25.75 -23.50
C ALA A 29 -4.04 24.49 -22.98
N ARG A 30 -4.05 23.43 -23.79
CA ARG A 30 -3.43 22.17 -23.39
C ARG A 30 -1.93 22.38 -23.14
N LYS A 31 -1.26 23.10 -24.03
CA LYS A 31 0.18 23.34 -23.88
C LYS A 31 0.48 24.18 -22.64
N LEU A 32 -0.35 25.20 -22.41
CA LEU A 32 -0.27 25.99 -21.18
C LEU A 32 -0.38 25.16 -19.91
N LEU A 33 -1.31 24.22 -19.90
CA LEU A 33 -1.61 23.43 -18.70
C LEU A 33 -0.57 22.34 -18.50
N SER A 34 0.23 22.10 -19.53
CA SER A 34 1.29 21.09 -19.51
C SER A 34 2.64 21.63 -19.03
N ARG A 35 2.79 22.95 -18.98
CA ARG A 35 4.07 23.56 -18.62
C ARG A 35 4.53 23.06 -17.26
N GLU A 36 5.83 22.95 -17.05
CA GLU A 36 6.31 22.33 -15.81
C GLU A 36 6.27 23.27 -14.61
N LYS A 37 6.70 24.51 -14.79
CA LYS A 37 6.72 25.46 -13.68
C LYS A 37 5.33 26.10 -13.54
N GLN A 38 4.67 25.83 -12.42
CA GLN A 38 3.33 26.32 -12.08
C GLN A 38 2.38 26.57 -13.25
N PRO A 39 1.81 25.49 -13.79
CA PRO A 39 0.71 25.58 -14.77
C PRO A 39 -0.46 26.37 -14.21
N PRO A 40 -0.92 27.39 -14.95
CA PRO A 40 -1.98 28.29 -14.46
C PRO A 40 -3.36 27.66 -14.46
N ILE A 41 -3.50 26.52 -13.78
CA ILE A 41 -4.76 25.80 -13.73
C ILE A 41 -5.93 26.68 -13.26
N ASP A 42 -5.74 27.37 -12.13
CA ASP A 42 -6.86 28.12 -11.54
C ASP A 42 -7.31 29.30 -12.42
N ASN A 43 -6.41 29.87 -13.20
CA ASN A 43 -6.81 30.92 -14.14
C ASN A 43 -7.67 30.36 -15.27
N ILE A 44 -7.29 29.19 -15.76
CA ILE A 44 -8.10 28.49 -16.75
C ILE A 44 -9.50 28.25 -16.18
N ILE A 45 -9.57 27.75 -14.95
CA ILE A 45 -10.87 27.48 -14.31
C ILE A 45 -11.69 28.77 -14.13
N ARG A 46 -11.06 29.80 -13.59
CA ARG A 46 -11.70 31.11 -13.41
C ARG A 46 -12.29 31.67 -14.70
N ALA A 47 -11.60 31.43 -15.81
CA ALA A 47 -12.04 31.95 -17.12
C ALA A 47 -13.26 31.21 -17.64
N GLY A 48 -13.71 30.18 -16.92
CA GLY A 48 -14.89 29.42 -17.31
C GLY A 48 -14.69 28.40 -18.42
N LEU A 49 -13.47 27.91 -18.62
CA LEU A 49 -13.19 27.09 -19.79
C LEU A 49 -13.58 25.59 -19.64
N ILE A 50 -13.68 25.10 -18.40
CA ILE A 50 -13.99 23.67 -18.20
C ILE A 50 -15.29 23.21 -18.91
N PRO A 51 -16.41 23.97 -18.77
CA PRO A 51 -17.61 23.53 -19.47
C PRO A 51 -17.44 23.48 -20.98
N LYS A 52 -16.61 24.36 -21.52
CA LYS A 52 -16.37 24.38 -22.96
C LYS A 52 -15.57 23.17 -23.39
N PHE A 53 -14.48 22.89 -22.66
CA PHE A 53 -13.70 21.66 -22.85
C PHE A 53 -14.59 20.44 -22.83
N VAL A 54 -15.45 20.37 -21.81
CA VAL A 54 -16.33 19.22 -21.68
C VAL A 54 -17.21 19.08 -22.91
N SER A 55 -17.82 20.18 -23.37
CA SER A 55 -18.67 20.08 -24.55
C SER A 55 -17.86 19.59 -25.75
N PHE A 56 -16.60 19.98 -25.81
CA PHE A 56 -15.72 19.55 -26.91
C PHE A 56 -15.46 18.03 -26.90
N LEU A 57 -15.58 17.40 -25.74
CA LEU A 57 -15.38 15.94 -25.64
C LEU A 57 -16.41 15.22 -26.49
N GLY A 58 -17.56 15.86 -26.72
CA GLY A 58 -18.65 15.26 -27.45
C GLY A 58 -18.67 15.50 -28.96
N LYS A 59 -17.66 16.18 -29.50
CA LYS A 59 -17.61 16.43 -30.94
C LYS A 59 -17.00 15.26 -31.73
N THR A 60 -17.81 14.23 -31.95
CA THR A 60 -17.41 13.02 -32.66
C THR A 60 -16.84 13.38 -34.03
N ASP A 61 -17.44 14.41 -34.61
CA ASP A 61 -17.07 14.99 -35.90
C ASP A 61 -15.64 15.56 -35.99
N CYS A 62 -15.11 16.08 -34.88
CA CYS A 62 -13.77 16.65 -34.88
C CYS A 62 -12.87 15.98 -33.83
N SER A 63 -12.31 14.83 -34.18
CA SER A 63 -11.50 14.06 -33.23
C SER A 63 -10.28 14.82 -32.66
N PRO A 64 -9.63 15.72 -33.43
CA PRO A 64 -8.54 16.49 -32.79
C PRO A 64 -8.97 17.39 -31.62
N ILE A 65 -10.16 17.98 -31.67
CA ILE A 65 -10.55 18.82 -30.54
C ILE A 65 -11.03 17.96 -29.37
N GLN A 66 -11.46 16.73 -29.66
CA GLN A 66 -11.76 15.78 -28.58
C GLN A 66 -10.49 15.47 -27.79
N PHE A 67 -9.43 15.19 -28.52
CA PHE A 67 -8.15 14.87 -27.90
C PHE A 67 -7.57 16.05 -27.13
N GLU A 68 -7.53 17.23 -27.74
CA GLU A 68 -6.94 18.36 -27.02
C GLU A 68 -7.74 18.72 -25.75
N SER A 69 -9.06 18.68 -25.81
CA SER A 69 -9.83 19.05 -24.63
C SER A 69 -9.73 17.95 -23.54
N ALA A 70 -9.65 16.69 -23.97
CA ALA A 70 -9.47 15.58 -23.04
C ALA A 70 -8.16 15.75 -22.30
N TRP A 71 -7.13 16.17 -23.05
CA TRP A 71 -5.81 16.36 -22.49
C TRP A 71 -5.79 17.60 -21.57
N ALA A 72 -6.32 18.72 -22.04
CA ALA A 72 -6.46 19.91 -21.17
C ALA A 72 -7.14 19.54 -19.85
N LEU A 73 -8.21 18.75 -19.93
CA LEU A 73 -8.99 18.41 -18.75
C LEU A 73 -8.23 17.49 -17.82
N THR A 74 -7.45 16.60 -18.43
CA THR A 74 -6.69 15.64 -17.68
C THR A 74 -5.61 16.36 -16.86
N ASN A 75 -5.01 17.38 -17.46
CA ASN A 75 -4.05 18.22 -16.77
C ASN A 75 -4.69 18.89 -15.54
N ILE A 76 -5.90 19.39 -15.70
CA ILE A 76 -6.61 20.01 -14.59
C ILE A 76 -6.99 18.97 -13.53
N ALA A 77 -7.50 17.82 -13.99
CA ALA A 77 -7.97 16.76 -13.08
C ALA A 77 -6.86 16.06 -12.29
N SER A 78 -5.61 16.19 -12.73
CA SER A 78 -4.50 15.62 -11.97
C SER A 78 -3.96 16.60 -10.94
N GLY A 79 -4.71 17.67 -10.68
CA GLY A 79 -4.23 18.70 -9.78
C GLY A 79 -4.67 18.45 -8.35
N THR A 80 -5.21 19.49 -7.72
CA THR A 80 -5.71 19.36 -6.36
C THR A 80 -7.12 18.77 -6.38
N SER A 81 -7.63 18.44 -5.19
CA SER A 81 -8.98 17.92 -5.07
C SER A 81 -10.01 18.92 -5.57
N GLU A 82 -9.76 20.20 -5.30
CA GLU A 82 -10.64 21.27 -5.76
C GLU A 82 -10.69 21.34 -7.27
N GLN A 83 -9.52 21.21 -7.88
CA GLN A 83 -9.41 21.23 -9.32
C GLN A 83 -10.06 19.99 -9.93
N THR A 84 -9.88 18.83 -9.30
CA THR A 84 -10.56 17.63 -9.81
C THR A 84 -12.06 17.81 -9.72
N LYS A 85 -12.54 18.31 -8.58
CA LYS A 85 -13.96 18.58 -8.39
C LYS A 85 -14.52 19.51 -9.48
N ALA A 86 -13.73 20.51 -9.89
CA ALA A 86 -14.21 21.44 -10.91
C ALA A 86 -14.48 20.70 -12.23
N VAL A 87 -13.61 19.75 -12.55
CA VAL A 87 -13.77 18.92 -13.73
C VAL A 87 -15.03 18.03 -13.65
N VAL A 88 -15.21 17.38 -12.51
CA VAL A 88 -16.41 16.56 -12.28
C VAL A 88 -17.72 17.36 -12.38
N ASP A 89 -17.73 18.53 -11.74
CA ASP A 89 -18.93 19.38 -11.76
C ASP A 89 -19.23 19.94 -13.13
N GLY A 90 -18.25 19.87 -14.03
CA GLY A 90 -18.43 20.29 -15.42
C GLY A 90 -19.11 19.21 -16.26
N GLY A 91 -19.37 18.05 -15.66
CA GLY A 91 -20.02 16.96 -16.35
C GLY A 91 -19.07 16.00 -17.03
N ALA A 92 -17.79 16.05 -16.67
CA ALA A 92 -16.78 15.31 -17.43
C ALA A 92 -16.85 13.77 -17.28
N ILE A 93 -17.39 13.24 -16.18
CA ILE A 93 -17.30 11.78 -16.00
C ILE A 93 -18.03 10.98 -17.12
N PRO A 94 -19.32 11.28 -17.40
CA PRO A 94 -19.95 10.49 -18.48
C PRO A 94 -19.36 10.76 -19.87
N ALA A 95 -18.90 11.99 -20.11
CA ALA A 95 -18.26 12.33 -21.36
C ALA A 95 -16.96 11.55 -21.55
N PHE A 96 -16.19 11.39 -20.47
CA PHE A 96 -14.98 10.58 -20.56
C PHE A 96 -15.31 9.11 -20.74
N ILE A 97 -16.39 8.64 -20.14
CA ILE A 97 -16.73 7.22 -20.25
C ILE A 97 -17.19 6.93 -21.68
N SER A 98 -17.90 7.88 -22.30
CA SER A 98 -18.28 7.73 -23.70
C SER A 98 -17.06 7.60 -24.62
N LEU A 99 -15.96 8.25 -24.25
CA LEU A 99 -14.75 8.27 -25.06
C LEU A 99 -13.88 7.01 -24.91
N LEU A 100 -14.17 6.16 -23.94
CA LEU A 100 -13.43 4.90 -23.79
C LEU A 100 -13.46 4.03 -25.06
N ALA A 101 -14.62 4.00 -25.72
CA ALA A 101 -14.81 3.19 -26.93
C ALA A 101 -14.44 3.92 -28.24
N SER A 102 -13.89 5.13 -28.13
CA SER A 102 -13.42 5.87 -29.31
C SER A 102 -12.59 5.01 -30.26
N PRO A 103 -12.75 5.22 -31.58
CA PRO A 103 -11.92 4.48 -32.54
C PRO A 103 -10.46 4.94 -32.51
N HIS A 104 -10.19 6.11 -31.92
CA HIS A 104 -8.82 6.61 -31.84
C HIS A 104 -8.17 6.22 -30.52
N ALA A 105 -7.06 5.52 -30.63
CA ALA A 105 -6.38 5.00 -29.43
C ALA A 105 -5.92 6.12 -28.50
N HIS A 106 -5.36 7.18 -29.07
CA HIS A 106 -4.89 8.33 -28.30
C HIS A 106 -6.01 8.98 -27.49
N ILE A 107 -7.21 9.03 -28.04
CA ILE A 107 -8.33 9.63 -27.33
C ILE A 107 -8.82 8.70 -26.20
N SER A 108 -8.97 7.43 -26.52
CA SER A 108 -9.40 6.41 -25.56
C SER A 108 -8.49 6.39 -24.33
N GLU A 109 -7.19 6.36 -24.60
CA GLU A 109 -6.17 6.39 -23.59
C GLU A 109 -6.22 7.66 -22.73
N GLN A 110 -6.53 8.78 -23.37
CA GLN A 110 -6.67 10.03 -22.64
C GLN A 110 -7.85 9.95 -21.66
N ALA A 111 -8.96 9.37 -22.11
CA ALA A 111 -10.13 9.13 -21.26
C ALA A 111 -9.82 8.20 -20.08
N VAL A 112 -9.06 7.14 -20.34
CA VAL A 112 -8.62 6.23 -19.29
C VAL A 112 -7.84 6.96 -18.19
N TRP A 113 -6.90 7.81 -18.61
CA TRP A 113 -6.05 8.51 -17.65
C TRP A 113 -6.87 9.56 -16.85
N ALA A 114 -7.79 10.25 -17.52
CA ALA A 114 -8.68 11.23 -16.85
C ALA A 114 -9.53 10.57 -15.75
N LEU A 115 -10.12 9.42 -16.08
CA LEU A 115 -10.95 8.68 -15.14
C LEU A 115 -10.15 8.13 -13.98
N GLY A 116 -8.91 7.75 -14.24
CA GLY A 116 -8.02 7.33 -13.17
C GLY A 116 -7.71 8.44 -12.18
N ASN A 117 -7.48 9.65 -12.68
CA ASN A 117 -7.23 10.79 -11.80
C ASN A 117 -8.47 11.21 -11.05
N ILE A 118 -9.63 11.10 -11.68
CA ILE A 118 -10.88 11.43 -10.99
C ILE A 118 -11.18 10.42 -9.90
N ALA A 119 -11.13 9.14 -10.25
CA ALA A 119 -11.43 8.09 -9.30
C ALA A 119 -10.40 8.04 -8.19
N GLY A 120 -9.16 8.36 -8.53
CA GLY A 120 -8.08 8.32 -7.55
C GLY A 120 -8.14 9.42 -6.49
N ASP A 121 -8.97 10.43 -6.69
CA ASP A 121 -9.01 11.55 -5.77
C ASP A 121 -9.64 11.24 -4.40
N GLY A 122 -10.50 10.23 -4.34
CA GLY A 122 -11.10 9.87 -3.06
C GLY A 122 -12.28 8.92 -3.23
N SER A 123 -12.74 8.35 -2.12
CA SER A 123 -13.82 7.36 -2.12
C SER A 123 -15.07 7.74 -2.90
N ALA A 124 -15.54 8.97 -2.68
CA ALA A 124 -16.79 9.42 -3.27
C ALA A 124 -16.69 9.52 -4.80
N PHE A 125 -15.61 10.10 -5.30
CA PHE A 125 -15.46 10.22 -6.75
C PHE A 125 -15.21 8.84 -7.39
N ARG A 126 -14.42 8.00 -6.73
CA ARG A 126 -14.23 6.62 -7.15
C ARG A 126 -15.58 5.95 -7.33
N ASP A 127 -16.40 6.02 -6.29
CA ASP A 127 -17.71 5.38 -6.36
C ASP A 127 -18.63 6.02 -7.39
N LEU A 128 -18.44 7.32 -7.61
CA LEU A 128 -19.24 8.03 -8.63
C LEU A 128 -18.87 7.57 -10.04
N VAL A 129 -17.58 7.34 -10.26
CA VAL A 129 -17.09 6.80 -11.52
C VAL A 129 -17.65 5.39 -11.79
N ILE A 130 -17.70 4.57 -10.74
CA ILE A 130 -18.28 3.25 -10.82
C ILE A 130 -19.78 3.33 -11.15
N LYS A 131 -20.48 4.24 -10.48
CA LYS A 131 -21.92 4.39 -10.70
C LYS A 131 -22.25 4.84 -12.14
N HIS A 132 -21.38 5.65 -12.73
CA HIS A 132 -21.56 6.09 -14.13
C HIS A 132 -21.20 5.00 -15.13
N GLY A 133 -20.68 3.88 -14.64
CA GLY A 133 -20.52 2.71 -15.49
C GLY A 133 -19.15 2.52 -16.15
N ALA A 134 -18.07 2.99 -15.51
CA ALA A 134 -16.76 2.94 -16.17
C ALA A 134 -16.15 1.53 -16.28
N ILE A 135 -16.48 0.64 -15.36
CA ILE A 135 -15.76 -0.63 -15.26
C ILE A 135 -15.95 -1.49 -16.50
N ASP A 136 -17.18 -1.69 -16.98
CA ASP A 136 -17.35 -2.55 -18.15
C ASP A 136 -16.54 -2.05 -19.37
N PRO A 137 -16.67 -0.76 -19.77
CA PRO A 137 -15.88 -0.36 -20.94
C PRO A 137 -14.36 -0.34 -20.70
N LEU A 138 -13.92 -0.10 -19.46
CA LEU A 138 -12.49 -0.19 -19.16
C LEU A 138 -12.00 -1.63 -19.31
N LEU A 139 -12.76 -2.56 -18.75
CA LEU A 139 -12.39 -3.98 -18.82
C LEU A 139 -12.37 -4.49 -20.25
N ALA A 140 -13.34 -4.04 -21.05
CA ALA A 140 -13.44 -4.42 -22.44
C ALA A 140 -12.22 -3.99 -23.25
N LEU A 141 -11.49 -2.98 -22.76
CA LEU A 141 -10.25 -2.55 -23.42
C LEU A 141 -9.14 -3.62 -23.29
N LEU A 142 -9.29 -4.49 -22.29
CA LEU A 142 -8.30 -5.56 -22.06
C LEU A 142 -8.74 -6.94 -22.58
N ALA A 143 -9.87 -6.98 -23.28
CA ALA A 143 -10.43 -8.24 -23.77
C ALA A 143 -9.72 -8.73 -25.05
N VAL A 144 -8.44 -9.05 -24.92
CA VAL A 144 -7.70 -9.68 -26.01
C VAL A 144 -7.08 -11.01 -25.54
N PRO A 145 -6.83 -11.94 -26.49
CA PRO A 145 -6.23 -13.20 -26.03
C PRO A 145 -4.85 -13.05 -25.40
N ASP A 146 -4.04 -12.09 -25.86
CA ASP A 146 -2.69 -11.91 -25.34
C ASP A 146 -2.36 -10.43 -25.05
N LEU A 147 -2.11 -10.10 -23.79
CA LEU A 147 -1.86 -8.70 -23.39
C LEU A 147 -0.65 -8.11 -24.10
N SER A 148 0.26 -8.97 -24.52
CA SER A 148 1.49 -8.49 -25.17
C SER A 148 1.23 -7.80 -26.51
N THR A 149 0.04 -7.96 -27.07
CA THR A 149 -0.26 -7.27 -28.33
C THR A 149 -0.72 -5.82 -28.14
N LEU A 150 -1.00 -5.42 -26.91
CA LEU A 150 -1.39 -4.03 -26.63
C LEU A 150 -0.14 -3.17 -26.52
N ALA A 151 -0.29 -1.90 -26.89
CA ALA A 151 0.79 -0.94 -26.64
C ALA A 151 1.10 -0.86 -25.15
N CYS A 152 2.38 -0.71 -24.85
CA CYS A 152 2.91 -0.72 -23.50
C CYS A 152 2.38 0.41 -22.60
N GLY A 153 2.46 1.64 -23.09
CA GLY A 153 1.95 2.79 -22.34
C GLY A 153 0.45 2.70 -22.12
N TYR A 154 -0.25 2.20 -23.14
CA TYR A 154 -1.68 1.91 -23.06
C TYR A 154 -2.06 0.95 -21.93
N LEU A 155 -1.33 -0.15 -21.83
CA LEU A 155 -1.57 -1.15 -20.80
C LEU A 155 -1.27 -0.61 -19.41
N ARG A 156 -0.14 0.09 -19.29
CA ARG A 156 0.26 0.72 -18.02
C ARG A 156 -0.81 1.71 -17.52
N ASN A 157 -1.35 2.47 -18.45
CA ASN A 157 -2.40 3.42 -18.12
C ASN A 157 -3.69 2.76 -17.61
N LEU A 158 -4.16 1.77 -18.36
CA LEU A 158 -5.31 0.98 -17.93
C LEU A 158 -5.08 0.34 -16.56
N THR A 159 -3.89 -0.24 -16.36
CA THR A 159 -3.56 -0.86 -15.07
C THR A 159 -3.58 0.17 -13.94
N TRP A 160 -2.95 1.31 -14.16
CA TRP A 160 -2.91 2.37 -13.16
C TRP A 160 -4.32 2.86 -12.80
N THR A 161 -5.18 3.03 -13.81
CA THR A 161 -6.56 3.47 -13.57
C THR A 161 -7.36 2.40 -12.81
N LEU A 162 -7.24 1.14 -13.22
CA LEU A 162 -7.92 0.06 -12.52
C LEU A 162 -7.52 0.04 -11.05
N SER A 163 -6.25 0.30 -10.77
CA SER A 163 -5.78 0.28 -9.39
C SER A 163 -6.37 1.45 -8.57
N ASN A 164 -6.64 2.60 -9.22
CA ASN A 164 -7.31 3.69 -8.51
C ASN A 164 -8.79 3.38 -8.20
N LEU A 165 -9.41 2.52 -9.00
CA LEU A 165 -10.77 2.09 -8.68
C LEU A 165 -10.76 1.15 -7.47
N CYS A 166 -9.60 0.62 -7.13
CA CYS A 166 -9.47 -0.27 -5.98
C CYS A 166 -9.02 0.45 -4.71
N ARG A 167 -8.67 1.73 -4.82
CA ARG A 167 -7.71 2.35 -3.91
C ARG A 167 -8.08 2.85 -2.50
N ASN A 168 -9.20 3.52 -2.31
CA ASN A 168 -9.34 4.17 -0.98
C ASN A 168 -10.21 3.43 0.02
N LYS A 169 -10.39 4.03 1.19
CA LYS A 169 -11.21 3.43 2.26
C LYS A 169 -12.21 4.41 2.86
N ASN A 170 -12.98 3.90 3.81
CA ASN A 170 -14.08 4.64 4.44
C ASN A 170 -14.94 5.40 3.42
N PRO A 171 -15.70 4.67 2.60
CA PRO A 171 -15.74 3.20 2.57
C PRO A 171 -14.74 2.62 1.55
N ALA A 172 -14.43 1.34 1.69
CA ALA A 172 -13.74 0.58 0.64
C ALA A 172 -14.67 0.46 -0.60
N PRO A 173 -14.11 0.11 -1.77
CA PRO A 173 -14.94 0.06 -2.99
C PRO A 173 -16.06 -0.96 -2.83
N PRO A 174 -17.16 -0.82 -3.61
CA PRO A 174 -18.29 -1.75 -3.56
C PRO A 174 -17.86 -3.19 -3.84
N LEU A 175 -18.37 -4.12 -3.02
CA LEU A 175 -18.01 -5.53 -3.18
C LEU A 175 -18.20 -6.04 -4.61
N ASP A 176 -19.33 -5.66 -5.21
CA ASP A 176 -19.66 -6.04 -6.58
CA ASP A 176 -19.65 -6.05 -6.59
C ASP A 176 -18.63 -5.55 -7.59
N ALA A 177 -18.15 -4.31 -7.41
CA ALA A 177 -17.11 -3.77 -8.29
C ALA A 177 -15.78 -4.49 -8.13
N VAL A 178 -15.42 -4.79 -6.89
CA VAL A 178 -14.20 -5.54 -6.62
C VAL A 178 -14.26 -6.90 -7.33
N GLU A 179 -15.37 -7.63 -7.19
CA GLU A 179 -15.51 -8.92 -7.84
C GLU A 179 -15.45 -8.84 -9.36
N GLN A 180 -15.92 -7.74 -9.91
CA GLN A 180 -15.93 -7.54 -11.36
C GLN A 180 -14.50 -7.32 -11.90
N ILE A 181 -13.70 -6.62 -11.11
CA ILE A 181 -12.34 -6.22 -11.49
C ILE A 181 -11.29 -7.30 -11.18
N LEU A 182 -11.53 -8.11 -10.15
CA LEU A 182 -10.49 -9.01 -9.65
C LEU A 182 -9.91 -9.98 -10.71
N PRO A 183 -10.76 -10.58 -11.58
CA PRO A 183 -10.13 -11.49 -12.56
C PRO A 183 -9.19 -10.80 -13.54
N THR A 184 -9.50 -9.58 -13.97
CA THR A 184 -8.58 -8.86 -14.84
C THR A 184 -7.29 -8.54 -14.11
N LEU A 185 -7.43 -8.15 -12.85
CA LEU A 185 -6.28 -7.88 -12.00
C LEU A 185 -5.34 -9.10 -11.88
N VAL A 186 -5.90 -10.30 -11.68
CA VAL A 186 -5.11 -11.52 -11.59
C VAL A 186 -4.30 -11.76 -12.86
N ARG A 187 -4.94 -11.50 -13.99
CA ARG A 187 -4.29 -11.61 -15.28
C ARG A 187 -3.15 -10.59 -15.49
N LEU A 188 -3.36 -9.35 -15.05
CA LEU A 188 -2.35 -8.31 -15.18
C LEU A 188 -1.21 -8.63 -14.25
N LEU A 189 -1.55 -9.29 -13.15
CA LEU A 189 -0.53 -9.71 -12.20
C LEU A 189 0.43 -10.81 -12.77
N HIS A 190 0.13 -11.47 -13.89
CA HIS A 190 1.15 -12.34 -14.43
C HIS A 190 1.75 -11.71 -15.70
N HIS A 191 1.50 -10.42 -15.95
CA HIS A 191 1.94 -9.81 -17.21
C HIS A 191 3.39 -9.36 -17.08
N ASN A 192 4.23 -9.70 -18.06
CA ASN A 192 5.62 -9.27 -17.88
C ASN A 192 5.89 -7.84 -18.38
N ASP A 193 5.59 -6.89 -17.51
CA ASP A 193 6.09 -5.52 -17.59
C ASP A 193 6.20 -5.00 -16.16
N PRO A 194 7.38 -4.52 -15.77
CA PRO A 194 7.58 -4.12 -14.37
C PRO A 194 6.52 -3.12 -13.87
N GLU A 195 6.17 -2.14 -14.69
CA GLU A 195 5.23 -1.12 -14.24
C GLU A 195 3.83 -1.70 -14.07
N VAL A 196 3.42 -2.60 -14.96
CA VAL A 196 2.10 -3.23 -14.86
C VAL A 196 2.03 -4.09 -13.61
N LEU A 197 3.09 -4.86 -13.37
CA LEU A 197 3.21 -5.67 -12.17
C LEU A 197 3.18 -4.83 -10.90
N ALA A 198 3.92 -3.73 -10.89
CA ALA A 198 3.90 -2.84 -9.71
C ALA A 198 2.48 -2.32 -9.41
N ASP A 199 1.79 -1.83 -10.44
CA ASP A 199 0.46 -1.29 -10.24
C ASP A 199 -0.62 -2.33 -9.91
N SER A 200 -0.47 -3.54 -10.45
CA SER A 200 -1.34 -4.65 -10.08
C SER A 200 -1.18 -5.03 -8.63
N CYS A 201 0.08 -5.09 -8.19
CA CYS A 201 0.40 -5.31 -6.78
C CYS A 201 -0.14 -4.21 -5.88
N TRP A 202 -0.04 -2.96 -6.33
CA TRP A 202 -0.63 -1.87 -5.55
C TRP A 202 -2.13 -2.11 -5.41
N ALA A 203 -2.76 -2.48 -6.51
CA ALA A 203 -4.21 -2.74 -6.49
C ALA A 203 -4.54 -3.82 -5.46
N ILE A 204 -3.78 -4.91 -5.49
CA ILE A 204 -4.01 -6.01 -4.55
C ILE A 204 -3.76 -5.55 -3.12
N SER A 205 -2.74 -4.71 -2.90
CA SER A 205 -2.48 -4.22 -1.56
C SER A 205 -3.64 -3.34 -1.05
N TYR A 206 -4.27 -2.56 -1.93
CA TYR A 206 -5.47 -1.82 -1.49
C TYR A 206 -6.59 -2.78 -1.10
N LEU A 207 -6.83 -3.80 -1.91
CA LEU A 207 -7.97 -4.69 -1.73
C LEU A 207 -7.82 -5.56 -0.49
N THR A 208 -6.58 -5.83 -0.07
CA THR A 208 -6.33 -6.65 1.11
C THR A 208 -6.22 -5.84 2.39
N ASP A 209 -6.28 -4.51 2.24
CA ASP A 209 -6.23 -3.58 3.37
C ASP A 209 -7.61 -3.41 4.02
N GLY A 210 -8.06 -4.41 4.76
CA GLY A 210 -9.40 -4.37 5.34
C GLY A 210 -9.73 -5.58 6.20
N PRO A 211 -11.02 -5.79 6.47
CA PRO A 211 -11.44 -6.94 7.28
C PRO A 211 -11.16 -8.28 6.57
N ASN A 212 -11.18 -9.37 7.32
CA ASN A 212 -10.85 -10.68 6.78
C ASN A 212 -11.72 -11.10 5.61
N GLU A 213 -12.92 -10.54 5.51
CA GLU A 213 -13.82 -10.88 4.41
C GLU A 213 -13.26 -10.38 3.09
N ARG A 214 -12.71 -9.18 3.12
CA ARG A 214 -12.13 -8.66 1.88
C ARG A 214 -10.83 -9.37 1.54
N ILE A 215 -10.03 -9.71 2.56
CA ILE A 215 -8.85 -10.53 2.32
C ILE A 215 -9.23 -11.86 1.65
N GLU A 216 -10.32 -12.48 2.10
CA GLU A 216 -10.70 -13.78 1.54
C GLU A 216 -11.05 -13.70 0.07
N MET A 217 -11.73 -12.62 -0.32
CA MET A 217 -12.09 -12.38 -1.72
C MET A 217 -10.86 -12.43 -2.65
N VAL A 218 -9.76 -11.86 -2.20
CA VAL A 218 -8.51 -11.86 -2.96
C VAL A 218 -7.84 -13.22 -2.92
N VAL A 219 -7.66 -13.74 -1.71
CA VAL A 219 -6.95 -14.98 -1.48
C VAL A 219 -7.64 -16.15 -2.20
N LYS A 220 -8.95 -16.04 -2.39
CA LYS A 220 -9.70 -17.10 -3.05
C LYS A 220 -9.44 -17.12 -4.56
N LYS A 221 -9.02 -15.99 -5.15
CA LYS A 221 -8.62 -16.00 -6.56
C LYS A 221 -7.25 -16.67 -6.79
N GLY A 222 -6.59 -17.10 -5.71
CA GLY A 222 -5.35 -17.87 -5.84
C GLY A 222 -4.08 -17.08 -6.16
N VAL A 223 -4.02 -15.81 -5.78
CA VAL A 223 -2.87 -14.97 -6.11
C VAL A 223 -1.70 -15.02 -5.14
N VAL A 224 -1.85 -15.71 -4.00
CA VAL A 224 -0.80 -15.68 -2.99
C VAL A 224 0.56 -16.18 -3.52
N PRO A 225 0.59 -17.33 -4.26
CA PRO A 225 1.90 -17.72 -4.84
C PRO A 225 2.53 -16.68 -5.77
N GLN A 226 1.75 -16.06 -6.66
CA GLN A 226 2.28 -15.02 -7.55
C GLN A 226 2.75 -13.81 -6.75
N LEU A 227 2.02 -13.41 -5.71
CA LEU A 227 2.47 -12.35 -4.81
C LEU A 227 3.81 -12.67 -4.14
N VAL A 228 3.97 -13.91 -3.70
CA VAL A 228 5.20 -14.36 -3.06
C VAL A 228 6.36 -14.38 -4.05
N LYS A 229 6.07 -14.78 -5.28
CA LYS A 229 7.06 -14.72 -6.34
C LYS A 229 7.52 -13.29 -6.59
N LEU A 230 6.56 -12.36 -6.62
CA LEU A 230 6.89 -10.96 -6.87
C LEU A 230 7.64 -10.38 -5.70
N LEU A 231 7.41 -10.95 -4.52
CA LEU A 231 8.15 -10.59 -3.31
C LEU A 231 9.66 -10.78 -3.50
N GLY A 232 10.04 -11.75 -4.32
CA GLY A 232 11.44 -11.95 -4.60
C GLY A 232 11.99 -11.16 -5.78
N ALA A 233 11.19 -10.26 -6.36
CA ALA A 233 11.65 -9.50 -7.55
C ALA A 233 12.87 -8.63 -7.24
N THR A 234 13.53 -8.15 -8.28
CA THR A 234 14.71 -7.30 -8.08
C THR A 234 14.31 -5.84 -8.11
N GLU A 235 13.18 -5.54 -8.74
CA GLU A 235 12.70 -4.17 -8.80
C GLU A 235 12.00 -3.81 -7.49
N LEU A 236 12.59 -2.87 -6.76
CA LEU A 236 11.98 -2.32 -5.55
C LEU A 236 10.54 -1.77 -5.75
N PRO A 237 10.21 -1.19 -6.94
CA PRO A 237 8.80 -0.77 -7.09
C PRO A 237 7.79 -1.92 -7.16
N ILE A 238 8.28 -3.12 -7.37
CA ILE A 238 7.42 -4.30 -7.36
C ILE A 238 7.39 -4.86 -5.95
N VAL A 239 8.56 -4.96 -5.34
CA VAL A 239 8.65 -5.56 -4.02
C VAL A 239 7.81 -4.78 -3.02
N THR A 240 7.83 -3.46 -3.09
CA THR A 240 7.19 -2.65 -2.06
C THR A 240 5.68 -3.00 -1.93
N PRO A 241 4.90 -2.97 -3.04
CA PRO A 241 3.48 -3.33 -2.83
C PRO A 241 3.24 -4.83 -2.66
N ALA A 242 4.06 -5.70 -3.25
CA ALA A 242 3.90 -7.14 -3.03
C ALA A 242 4.03 -7.43 -1.54
N LEU A 243 4.98 -6.77 -0.88
CA LEU A 243 5.16 -6.93 0.56
C LEU A 243 4.03 -6.30 1.39
N ARG A 244 3.47 -5.21 0.91
CA ARG A 244 2.36 -4.58 1.60
C ARG A 244 1.16 -5.54 1.57
N ALA A 245 0.89 -6.10 0.39
CA ALA A 245 -0.16 -7.07 0.18
C ALA A 245 0.01 -8.34 1.04
N ILE A 246 1.21 -8.89 1.06
CA ILE A 246 1.49 -10.03 1.92
C ILE A 246 1.27 -9.67 3.39
N GLY A 247 1.78 -8.51 3.80
CA GLY A 247 1.61 -8.02 5.15
C GLY A 247 0.14 -7.90 5.56
N ASN A 248 -0.69 -7.41 4.64
CA ASN A 248 -2.12 -7.24 4.90
C ASN A 248 -2.79 -8.61 5.09
N ILE A 249 -2.48 -9.52 4.19
CA ILE A 249 -3.05 -10.87 4.25
C ILE A 249 -2.77 -11.61 5.59
N VAL A 250 -1.58 -11.45 6.18
CA VAL A 250 -1.31 -12.15 7.42
C VAL A 250 -1.87 -11.43 8.66
N THR A 251 -2.55 -10.30 8.45
CA THR A 251 -3.38 -9.74 9.53
C THR A 251 -4.72 -10.48 9.61
N GLY A 252 -4.95 -11.38 8.65
CA GLY A 252 -6.19 -12.13 8.59
C GLY A 252 -6.25 -13.38 9.47
N THR A 253 -7.01 -14.38 9.04
CA THR A 253 -7.22 -15.57 9.87
C THR A 253 -5.96 -16.44 9.88
N ASP A 254 -5.94 -17.45 10.76
CA ASP A 254 -4.85 -18.41 10.80
C ASP A 254 -4.74 -19.15 9.48
N GLU A 255 -5.89 -19.43 8.86
CA GLU A 255 -5.97 -20.11 7.58
C GLU A 255 -5.40 -19.26 6.43
N GLN A 256 -5.74 -17.97 6.44
CA GLN A 256 -5.23 -17.02 5.44
C GLN A 256 -3.72 -16.83 5.60
N THR A 257 -3.24 -16.71 6.83
CA THR A 257 -1.80 -16.67 7.09
C THR A 257 -1.09 -17.93 6.60
N GLN A 258 -1.68 -19.09 6.86
CA GLN A 258 -1.09 -20.35 6.41
C GLN A 258 -0.91 -20.42 4.89
N LYS A 259 -1.77 -19.73 4.14
CA LYS A 259 -1.60 -19.72 2.68
C LYS A 259 -0.31 -18.98 2.28
N VAL A 260 0.02 -17.93 3.01
CA VAL A 260 1.27 -17.21 2.77
C VAL A 260 2.50 -18.12 3.00
N ILE A 261 2.49 -18.81 4.13
CA ILE A 261 3.57 -19.71 4.49
C ILE A 261 3.68 -20.89 3.53
N ASP A 262 2.55 -21.48 3.17
CA ASP A 262 2.54 -22.60 2.23
C ASP A 262 3.12 -22.21 0.86
N ALA A 263 2.94 -20.95 0.48
CA ALA A 263 3.42 -20.46 -0.80
C ALA A 263 4.94 -20.20 -0.79
N GLY A 264 5.57 -20.27 0.39
CA GLY A 264 7.03 -20.23 0.47
C GLY A 264 7.56 -18.87 0.87
N ALA A 265 6.69 -18.04 1.45
CA ALA A 265 7.04 -16.66 1.68
C ALA A 265 8.18 -16.50 2.66
N LEU A 266 8.26 -17.39 3.66
CA LEU A 266 9.25 -17.25 4.73
C LEU A 266 10.69 -17.26 4.18
N ALA A 267 10.91 -18.01 3.11
CA ALA A 267 12.26 -18.13 2.56
C ALA A 267 12.77 -16.82 1.95
N VAL A 268 11.90 -15.84 1.74
CA VAL A 268 12.31 -14.54 1.20
C VAL A 268 12.75 -13.61 2.32
N PHE A 269 12.38 -13.93 3.55
CA PHE A 269 12.55 -12.98 4.65
C PHE A 269 13.97 -12.76 5.20
N PRO A 270 14.91 -13.73 5.02
CA PRO A 270 16.30 -13.34 5.36
C PRO A 270 16.77 -12.08 4.62
N SER A 271 16.46 -11.96 3.34
CA SER A 271 16.86 -10.75 2.62
C SER A 271 15.96 -9.54 2.92
N LEU A 272 14.67 -9.77 3.16
CA LEU A 272 13.78 -8.65 3.46
C LEU A 272 14.14 -8.05 4.82
N LEU A 273 14.42 -8.90 5.81
CA LEU A 273 14.76 -8.40 7.14
C LEU A 273 16.17 -7.80 7.22
N THR A 274 16.93 -7.88 6.13
CA THR A 274 18.22 -7.20 6.10
C THR A 274 18.29 -6.24 4.91
N ASN A 275 17.13 -5.93 4.32
CA ASN A 275 17.08 -5.08 3.13
C ASN A 275 17.62 -3.67 3.40
N PRO A 276 18.42 -3.13 2.46
CA PRO A 276 18.98 -1.78 2.51
C PRO A 276 17.94 -0.67 2.52
N LYS A 277 16.74 -0.96 2.04
CA LYS A 277 15.67 0.03 2.11
C LYS A 277 14.93 -0.10 3.43
N THR A 278 15.00 0.97 4.22
CA THR A 278 14.42 1.01 5.56
C THR A 278 12.96 0.62 5.63
N ASN A 279 12.16 1.09 4.68
CA ASN A 279 10.73 0.78 4.63
CA ASN A 279 10.75 0.76 4.74
C ASN A 279 10.45 -0.71 4.40
N ILE A 280 11.34 -1.38 3.66
CA ILE A 280 11.15 -2.80 3.36
C ILE A 280 11.42 -3.60 4.63
N GLN A 281 12.49 -3.24 5.33
CA GLN A 281 12.82 -3.88 6.61
C GLN A 281 11.70 -3.69 7.60
N LYS A 282 11.15 -2.49 7.64
CA LYS A 282 10.10 -2.21 8.62
C LYS A 282 8.83 -3.02 8.30
N GLU A 283 8.39 -3.02 7.04
CA GLU A 283 7.19 -3.79 6.67
C GLU A 283 7.37 -5.30 6.76
N ALA A 284 8.60 -5.77 6.52
CA ALA A 284 8.87 -7.21 6.69
C ALA A 284 8.78 -7.60 8.17
N THR A 285 9.28 -6.75 9.03
CA THR A 285 9.23 -7.03 10.45
C THR A 285 7.77 -6.95 10.97
N TRP A 286 6.98 -6.02 10.44
CA TRP A 286 5.57 -5.91 10.80
C TRP A 286 4.86 -7.19 10.38
N THR A 287 5.23 -7.66 9.19
CA THR A 287 4.66 -8.88 8.66
C THR A 287 5.00 -10.06 9.58
N MET A 288 6.27 -10.15 9.99
CA MET A 288 6.70 -11.21 10.92
C MET A 288 5.93 -11.13 12.24
N SER A 289 5.65 -9.92 12.70
CA SER A 289 4.95 -9.72 13.97
C SER A 289 3.54 -10.30 13.94
N ASN A 290 2.95 -10.36 12.75
CA ASN A 290 1.62 -10.93 12.59
C ASN A 290 1.70 -12.44 12.42
N ILE A 291 2.83 -12.93 11.92
CA ILE A 291 2.99 -14.37 11.78
C ILE A 291 3.32 -14.99 13.16
N THR A 292 4.11 -14.28 13.98
CA THR A 292 4.43 -14.82 15.31
C THR A 292 3.25 -14.73 16.26
N ALA A 293 2.21 -14.01 15.83
CA ALA A 293 0.97 -13.91 16.58
C ALA A 293 0.00 -15.01 16.17
N GLY A 294 0.48 -15.96 15.37
CA GLY A 294 -0.38 -17.03 14.91
C GLY A 294 -0.32 -18.28 15.77
N ARG A 295 -0.57 -19.42 15.14
CA ARG A 295 -0.57 -20.71 15.80
C ARG A 295 0.84 -21.13 16.17
N GLN A 296 0.94 -21.90 17.25
CA GLN A 296 2.20 -22.52 17.63
C GLN A 296 2.88 -23.27 16.48
N ASP A 297 2.09 -23.95 15.63
CA ASP A 297 2.70 -24.62 14.49
C ASP A 297 3.22 -23.61 13.43
N GLN A 298 2.70 -22.39 13.48
CA GLN A 298 3.12 -21.32 12.56
C GLN A 298 4.35 -20.64 13.13
N ILE A 299 4.38 -20.50 14.46
CA ILE A 299 5.63 -20.09 15.12
C ILE A 299 6.74 -21.09 14.81
N GLN A 300 6.41 -22.39 14.85
CA GLN A 300 7.42 -23.42 14.60
C GLN A 300 8.01 -23.33 13.19
N GLN A 301 7.22 -22.88 12.23
CA GLN A 301 7.72 -22.75 10.87
C GLN A 301 8.69 -21.57 10.76
N VAL A 302 8.39 -20.48 11.45
CA VAL A 302 9.32 -19.36 11.60
C VAL A 302 10.66 -19.85 12.17
N VAL A 303 10.57 -20.65 13.24
CA VAL A 303 11.74 -21.27 13.83
C VAL A 303 12.49 -22.12 12.81
N ASN A 304 11.80 -23.02 12.13
CA ASN A 304 12.43 -23.93 11.18
C ASN A 304 13.10 -23.22 10.01
N HIS A 305 12.59 -22.07 9.62
CA HIS A 305 13.14 -21.38 8.46
C HIS A 305 14.34 -20.53 8.84
N GLY A 306 14.75 -20.62 10.10
CA GLY A 306 15.93 -19.92 10.56
C GLY A 306 15.71 -18.44 10.74
N LEU A 307 14.45 -18.02 10.97
CA LEU A 307 14.16 -16.58 11.00
C LEU A 307 14.32 -15.94 12.36
N VAL A 308 14.37 -16.74 13.43
CA VAL A 308 14.51 -16.15 14.75
C VAL A 308 15.83 -15.36 14.87
N PRO A 309 16.97 -15.94 14.39
CA PRO A 309 18.20 -15.12 14.43
C PRO A 309 18.08 -13.78 13.69
N PHE A 310 17.35 -13.74 12.58
CA PHE A 310 17.14 -12.48 11.90
C PHE A 310 16.27 -11.52 12.75
N LEU A 311 15.34 -12.03 13.54
CA LEU A 311 14.59 -11.12 14.40
C LEU A 311 15.46 -10.55 15.52
N VAL A 312 16.38 -11.36 16.00
CA VAL A 312 17.33 -10.89 17.01
C VAL A 312 18.19 -9.77 16.39
N GLY A 313 18.52 -9.95 15.12
CA GLY A 313 19.31 -8.97 14.39
C GLY A 313 18.63 -7.61 14.28
N VAL A 314 17.36 -7.62 13.90
CA VAL A 314 16.61 -6.37 13.75
C VAL A 314 16.37 -5.70 15.09
N LEU A 315 16.11 -6.49 16.14
CA LEU A 315 16.00 -5.92 17.50
C LEU A 315 17.30 -5.23 17.94
N SER A 316 18.44 -5.87 17.67
CA SER A 316 19.76 -5.32 17.99
C SER A 316 20.11 -4.00 17.27
N LYS A 317 19.82 -3.95 15.98
CA LYS A 317 20.19 -2.79 15.19
C LYS A 317 19.26 -2.67 13.99
N ALA A 318 18.56 -1.54 13.92
CA ALA A 318 17.64 -1.21 12.82
C ALA A 318 17.16 0.21 13.07
N ASP A 319 16.46 0.78 12.10
CA ASP A 319 15.71 2.02 12.36
C ASP A 319 14.82 1.78 13.57
N PHE A 320 14.63 2.80 14.41
CA PHE A 320 13.84 2.62 15.63
C PHE A 320 12.43 2.07 15.36
N LYS A 321 11.80 2.53 14.28
CA LYS A 321 10.44 2.09 13.98
C LYS A 321 10.43 0.61 13.64
N THR A 322 11.53 0.16 13.08
CA THR A 322 11.70 -1.24 12.76
C THR A 322 11.92 -2.03 14.05
N GLN A 323 12.75 -1.49 14.94
CA GLN A 323 13.00 -2.12 16.22
C GLN A 323 11.71 -2.27 17.01
N LYS A 324 10.83 -1.30 16.88
CA LYS A 324 9.52 -1.35 17.52
C LYS A 324 8.69 -2.50 16.95
N GLU A 325 8.73 -2.68 15.63
CA GLU A 325 8.02 -3.83 15.04
C GLU A 325 8.57 -5.17 15.53
N ALA A 326 9.90 -5.24 15.69
CA ALA A 326 10.56 -6.46 16.13
C ALA A 326 10.19 -6.76 17.59
N ALA A 327 10.10 -5.70 18.40
CA ALA A 327 9.64 -5.84 19.77
C ALA A 327 8.26 -6.47 19.81
N TRP A 328 7.38 -6.02 18.91
CA TRP A 328 6.04 -6.61 18.81
C TRP A 328 6.09 -8.05 18.35
N ALA A 329 6.96 -8.35 17.39
CA ALA A 329 7.09 -9.74 16.94
C ALA A 329 7.55 -10.62 18.09
N ILE A 330 8.39 -10.08 18.97
CA ILE A 330 8.88 -10.88 20.09
C ILE A 330 7.78 -11.10 21.14
N THR A 331 7.02 -10.06 21.48
CA THR A 331 5.96 -10.22 22.47
C THR A 331 4.90 -11.20 22.00
N ASN A 332 4.57 -11.15 20.71
CA ASN A 332 3.60 -12.07 20.15
C ASN A 332 4.10 -13.50 20.16
N TYR A 333 5.38 -13.67 19.83
CA TYR A 333 6.01 -14.99 19.83
C TYR A 333 5.99 -15.56 21.26
N THR A 334 6.38 -14.74 22.24
CA THR A 334 6.46 -15.22 23.61
C THR A 334 5.07 -15.45 24.20
N SER A 335 4.08 -14.65 23.78
CA SER A 335 2.72 -14.80 24.30
C SER A 335 2.06 -16.07 23.79
N GLY A 336 2.37 -16.47 22.56
CA GLY A 336 1.71 -17.61 21.98
C GLY A 336 2.54 -18.87 21.88
N GLY A 337 3.85 -18.76 22.09
CA GLY A 337 4.72 -19.90 21.84
C GLY A 337 4.79 -20.95 22.95
N THR A 338 5.20 -22.16 22.60
CA THR A 338 5.48 -23.19 23.59
C THR A 338 6.70 -22.85 24.45
N VAL A 339 6.86 -23.58 25.55
CA VAL A 339 8.05 -23.42 26.39
C VAL A 339 9.36 -23.64 25.62
N GLU A 340 9.38 -24.69 24.83
CA GLU A 340 10.55 -25.02 24.02
C GLU A 340 10.88 -23.90 23.02
N GLN A 341 9.84 -23.29 22.45
CA GLN A 341 10.01 -22.24 21.45
C GLN A 341 10.56 -20.99 22.13
N ILE A 342 10.07 -20.73 23.33
CA ILE A 342 10.61 -19.62 24.12
C ILE A 342 12.06 -19.87 24.57
N VAL A 343 12.36 -21.10 24.99
CA VAL A 343 13.74 -21.45 25.35
C VAL A 343 14.69 -21.21 24.17
N TYR A 344 14.28 -21.64 22.98
CA TYR A 344 15.06 -21.47 21.76
C TYR A 344 15.34 -19.98 21.50
N LEU A 345 14.32 -19.18 21.70
CA LEU A 345 14.43 -17.75 21.47
C LEU A 345 15.48 -17.14 22.40
N VAL A 346 15.52 -17.62 23.64
CA VAL A 346 16.53 -17.15 24.58
C VAL A 346 17.92 -17.66 24.16
N HIS A 347 17.95 -18.88 23.62
CA HIS A 347 19.20 -19.44 23.13
C HIS A 347 19.73 -18.66 21.93
N CYS A 348 18.86 -17.99 21.17
CA CYS A 348 19.33 -17.24 20.01
C CYS A 348 19.87 -15.86 20.37
N GLY A 349 19.72 -15.48 21.63
CA GLY A 349 20.25 -14.22 22.13
C GLY A 349 19.28 -13.06 22.31
N ILE A 350 17.99 -13.33 22.46
CA ILE A 350 17.02 -12.23 22.50
C ILE A 350 17.16 -11.29 23.71
N ILE A 351 17.73 -11.78 24.82
CA ILE A 351 17.59 -11.02 26.07
C ILE A 351 18.31 -9.68 26.08
N GLU A 352 19.57 -9.66 25.65
CA GLU A 352 20.35 -8.42 25.71
C GLU A 352 19.80 -7.32 24.79
N PRO A 353 19.52 -7.62 23.50
CA PRO A 353 18.86 -6.57 22.69
C PRO A 353 17.50 -6.13 23.25
N LEU A 354 16.76 -7.04 23.85
CA LEU A 354 15.49 -6.68 24.47
C LEU A 354 15.73 -5.68 25.61
N MET A 355 16.69 -5.97 26.48
CA MET A 355 17.01 -5.08 27.61
C MET A 355 17.53 -3.73 27.14
N ASN A 356 18.38 -3.74 26.11
CA ASN A 356 18.93 -2.48 25.59
C ASN A 356 17.87 -1.51 25.12
N LEU A 357 16.73 -2.04 24.69
CA LEU A 357 15.67 -1.18 24.17
C LEU A 357 14.82 -0.59 25.28
N LEU A 358 15.12 -0.94 26.52
CA LEU A 358 14.38 -0.38 27.64
C LEU A 358 14.79 1.07 27.86
N SER A 359 15.93 1.44 27.29
CA SER A 359 16.44 2.81 27.34
C SER A 359 15.64 3.74 26.46
N ALA A 360 14.82 3.19 25.58
CA ALA A 360 14.13 4.00 24.60
C ALA A 360 13.14 4.97 25.24
N LYS A 361 13.16 6.22 24.79
CA LYS A 361 12.17 7.21 25.22
C LYS A 361 10.88 7.03 24.42
N ASP A 362 10.22 5.89 24.64
CA ASP A 362 8.99 5.55 23.93
C ASP A 362 8.16 4.64 24.80
N THR A 363 7.11 5.20 25.38
CA THR A 363 6.32 4.51 26.41
C THR A 363 5.74 3.19 25.94
N LYS A 364 5.20 3.16 24.72
CA LYS A 364 4.51 1.96 24.25
C LYS A 364 5.43 0.78 23.95
N ILE A 365 6.66 1.02 23.48
CA ILE A 365 7.55 -0.12 23.27
C ILE A 365 8.02 -0.68 24.62
N ILE A 366 8.07 0.19 25.62
CA ILE A 366 8.51 -0.24 26.93
C ILE A 366 7.52 -1.27 27.51
N GLN A 367 6.23 -1.01 27.36
CA GLN A 367 5.23 -1.96 27.82
C GLN A 367 5.30 -3.27 27.04
N VAL A 368 5.57 -3.15 25.74
CA VAL A 368 5.70 -4.33 24.88
C VAL A 368 6.86 -5.20 25.36
N ILE A 369 7.98 -4.57 25.68
CA ILE A 369 9.17 -5.29 26.12
C ILE A 369 8.98 -5.90 27.50
N LEU A 370 8.35 -5.13 28.39
CA LEU A 370 8.07 -5.61 29.73
C LEU A 370 7.13 -6.81 29.71
N ASP A 371 6.11 -6.75 28.86
CA ASP A 371 5.20 -7.87 28.74
C ASP A 371 5.95 -9.10 28.21
N ALA A 372 6.84 -8.86 27.26
CA ALA A 372 7.65 -9.92 26.68
C ALA A 372 8.54 -10.56 27.74
N ILE A 373 9.19 -9.74 28.57
CA ILE A 373 10.03 -10.26 29.65
C ILE A 373 9.21 -11.13 30.59
N SER A 374 8.01 -10.67 30.90
CA SER A 374 7.10 -11.40 31.78
C SER A 374 6.73 -12.78 31.18
N ASN A 375 6.46 -12.80 29.88
CA ASN A 375 6.16 -14.04 29.17
C ASN A 375 7.28 -15.07 29.25
N ILE A 376 8.53 -14.59 29.19
CA ILE A 376 9.68 -15.47 29.21
C ILE A 376 9.91 -16.02 30.62
N PHE A 377 9.69 -15.18 31.64
CA PHE A 377 9.76 -15.64 33.02
C PHE A 377 8.73 -16.73 33.28
N GLN A 378 7.53 -16.54 32.74
CA GLN A 378 6.46 -17.53 32.86
C GLN A 378 6.86 -18.88 32.32
N ALA A 379 7.64 -18.90 31.24
CA ALA A 379 8.14 -20.14 30.67
C ALA A 379 9.22 -20.74 31.56
N ALA A 380 10.03 -19.87 32.17
CA ALA A 380 11.13 -20.31 33.02
C ALA A 380 10.60 -20.91 34.32
N GLU A 381 9.44 -20.43 34.77
CA GLU A 381 8.78 -20.93 35.97
C GLU A 381 8.40 -22.40 35.80
N LYS A 382 7.83 -22.74 34.66
CA LYS A 382 7.45 -24.12 34.36
C LYS A 382 8.65 -25.06 34.26
N LEU A 383 9.86 -24.51 34.29
CA LEU A 383 11.08 -25.32 34.21
C LEU A 383 11.97 -25.06 35.43
N GLY A 384 11.50 -24.24 36.36
CA GLY A 384 12.24 -23.90 37.56
C GLY A 384 13.55 -23.18 37.29
N GLU A 385 13.58 -22.35 36.25
CA GLU A 385 14.81 -21.65 35.90
C GLU A 385 14.70 -20.15 36.00
N THR A 386 13.75 -19.67 36.78
CA THR A 386 13.59 -18.23 36.95
C THR A 386 14.90 -17.56 37.43
N GLU A 387 15.67 -18.26 38.26
CA GLU A 387 16.90 -17.64 38.79
C GLU A 387 17.97 -17.47 37.70
N LYS A 388 18.19 -18.51 36.90
CA LYS A 388 19.19 -18.40 35.83
C LYS A 388 18.81 -17.31 34.84
N LEU A 389 17.51 -17.18 34.58
CA LEU A 389 17.03 -16.08 33.75
C LEU A 389 17.36 -14.74 34.41
N SER A 390 17.09 -14.66 35.71
CA SER A 390 17.37 -13.44 36.48
C SER A 390 18.83 -13.00 36.31
N ILE A 391 19.74 -13.94 36.42
CA ILE A 391 21.16 -13.64 36.32
C ILE A 391 21.52 -13.18 34.91
N MET A 392 20.98 -13.85 33.90
CA MET A 392 21.15 -13.44 32.50
C MET A 392 20.84 -11.96 32.35
N ILE A 393 19.62 -11.62 32.74
CA ILE A 393 19.13 -10.26 32.68
C ILE A 393 20.02 -9.33 33.49
N GLU A 394 20.49 -9.82 34.64
CA GLU A 394 21.31 -9.00 35.53
C GLU A 394 22.71 -8.76 34.93
N GLU A 395 23.26 -9.79 34.28
CA GLU A 395 24.59 -9.68 33.68
C GLU A 395 24.67 -8.62 32.57
N CYS A 396 23.69 -8.61 31.67
CA CYS A 396 23.73 -7.67 30.56
C CYS A 396 23.18 -6.29 30.94
N GLY A 397 23.09 -6.04 32.24
CA GLY A 397 22.66 -4.74 32.73
C GLY A 397 21.17 -4.49 32.62
N GLY A 398 20.39 -5.58 32.55
CA GLY A 398 18.96 -5.47 32.35
C GLY A 398 18.24 -4.97 33.59
N LEU A 399 18.71 -5.45 34.74
CA LEU A 399 18.17 -5.06 36.03
C LEU A 399 18.17 -3.54 36.20
N ASP A 400 19.32 -2.93 35.93
CA ASP A 400 19.49 -1.47 36.02
C ASP A 400 18.41 -0.71 35.25
N LYS A 401 18.12 -1.17 34.04
CA LYS A 401 17.08 -0.55 33.22
C LYS A 401 15.73 -0.72 33.88
N ILE A 402 15.47 -1.92 34.39
CA ILE A 402 14.17 -2.28 34.95
C ILE A 402 13.90 -1.61 36.29
N GLU A 403 14.89 -1.58 37.18
CA GLU A 403 14.73 -0.88 38.46
C GLU A 403 14.57 0.61 38.24
N ALA A 404 15.05 1.11 37.10
CA ALA A 404 14.85 2.52 36.82
C ALA A 404 13.43 2.76 36.32
N LEU A 405 12.88 1.81 35.58
CA LEU A 405 11.60 2.00 34.90
C LEU A 405 10.52 2.23 35.95
N GLN A 406 10.71 1.56 37.07
CA GLN A 406 10.19 1.99 38.35
C GLN A 406 9.87 3.45 38.50
N ARG A 407 10.90 4.27 38.33
CA ARG A 407 10.80 5.69 38.63
C ARG A 407 10.02 6.51 37.61
N HIS A 408 9.78 5.95 36.43
CA HIS A 408 9.33 6.84 35.38
C HIS A 408 7.82 6.93 35.15
N GLU A 409 7.49 7.93 34.33
CA GLU A 409 6.21 8.64 34.34
C GLU A 409 4.95 7.79 34.22
N ASN A 410 5.06 6.61 33.63
CA ASN A 410 3.87 5.96 33.11
C ASN A 410 3.14 5.06 34.10
N GLU A 411 1.81 5.11 34.01
CA GLU A 411 0.87 4.17 34.61
C GLU A 411 1.38 2.72 34.73
N SER A 412 1.36 2.01 33.60
CA SER A 412 1.51 0.58 33.52
C SER A 412 2.95 0.11 33.73
N VAL A 413 3.91 0.96 33.39
CA VAL A 413 5.32 0.57 33.41
C VAL A 413 5.74 0.48 34.87
N TYR A 414 5.35 1.50 35.63
CA TYR A 414 5.56 1.53 37.07
C TYR A 414 5.08 0.20 37.67
N LYS A 415 3.82 -0.12 37.43
CA LYS A 415 3.22 -1.36 37.93
C LYS A 415 3.96 -2.61 37.44
N ALA A 416 4.32 -2.63 36.16
CA ALA A 416 4.98 -3.78 35.54
C ALA A 416 6.39 -3.98 36.08
N SER A 417 7.13 -2.88 36.22
CA SER A 417 8.51 -2.92 36.72
C SER A 417 8.58 -3.38 38.18
N LEU A 418 7.75 -2.79 39.05
CA LEU A 418 7.69 -3.30 40.41
C LEU A 418 7.48 -4.78 40.53
N ASN A 419 6.44 -5.26 39.86
CA ASN A 419 6.07 -6.68 39.89
C ASN A 419 7.27 -7.58 39.59
N LEU A 420 7.96 -7.30 38.48
CA LEU A 420 9.14 -8.06 38.05
C LEU A 420 10.24 -8.03 39.10
N ILE A 421 10.51 -6.84 39.64
CA ILE A 421 11.51 -6.70 40.69
C ILE A 421 11.14 -7.53 41.91
N GLU A 422 9.91 -7.34 42.38
CA GLU A 422 9.43 -8.04 43.57
C GLU A 422 9.41 -9.56 43.41
N LYS A 423 9.06 -10.03 42.22
CA LYS A 423 8.78 -11.45 42.04
C LYS A 423 9.99 -12.28 41.59
N TYR A 424 10.93 -11.68 40.86
CA TYR A 424 12.08 -12.45 40.36
C TYR A 424 13.47 -11.94 40.79
N PHE A 425 13.51 -10.74 41.35
CA PHE A 425 14.79 -10.20 41.78
C PHE A 425 14.76 -9.87 43.29
N SER A 426 14.97 -10.92 44.08
CA SER A 426 14.79 -10.98 45.54
C SER A 426 14.52 -9.64 46.24
#